data_3GOT
#
_entry.id   3GOT
#
_cell.length_a   132.455
_cell.length_b   35.084
_cell.length_c   41.891
_cell.angle_alpha   90.00
_cell.angle_beta   90.10
_cell.angle_gamma   90.00
#
_symmetry.space_group_name_H-M   'C 1 2 1'
#
loop_
_entity.id
_entity.type
_entity.pdbx_description
1 polymer 'Guanine riboswitch'
2 non-polymer 2-fluoroadenine
3 non-polymer 'ACETATE ION'
4 non-polymer 'COBALT HEXAMMINE(III)'
5 water water
#
_entity_poly.entity_id   1
_entity_poly.type   'polyribonucleotide'
_entity_poly.pdbx_seq_one_letter_code
;GGACAUAUAAUCGCGUGGAUAUGGCACGCAAGUUUCUACCGGGCACCGUAAAUGUCCGAUUAUGUCC
;
_entity_poly.pdbx_strand_id   A
#
loop_
_chem_comp.id
_chem_comp.type
_chem_comp.name
_chem_comp.formula
A RNA linking ADENOSINE-5'-MONOPHOSPHATE 'C10 H14 N5 O7 P'
A2F non-polymer 2-fluoroadenine 'C5 H4 F N5'
ACT non-polymer 'ACETATE ION' 'C2 H3 O2 -1'
C RNA linking CYTIDINE-5'-MONOPHOSPHATE 'C9 H14 N3 O8 P'
G RNA linking GUANOSINE-5'-MONOPHOSPHATE 'C10 H14 N5 O8 P'
NCO non-polymer 'COBALT HEXAMMINE(III)' 'Co H18 N6 3'
U RNA linking URIDINE-5'-MONOPHOSPHATE 'C9 H13 N2 O9 P'
#
# COMPACT_ATOMS: atom_id res chain seq x y z
F A2F B . -9.36 11.46 -2.81
C2 A2F B . -8.73 12.18 -1.86
N3 A2F B . -9.33 12.35 -0.68
N1 A2F B . -7.53 12.71 -2.11
C6 A2F B . -6.89 13.43 -1.16
N6 A2F B . -5.73 14.02 -1.43
C5 A2F B . -7.49 13.60 0.08
C4 A2F B . -8.75 13.05 0.30
N7 A2F B . -7.15 14.24 1.19
C8 A2F B . -8.13 14.10 2.08
N9 A2F B . -9.11 13.37 1.54
C ACT C . 3.10 -10.04 0.90
O ACT C . 2.35 -10.83 1.68
OXT ACT C . 3.23 -10.02 -0.48
CH3 ACT C . 3.93 -8.94 1.60
CO NCO D . 3.78 -4.87 10.10
N1 NCO D . 4.71 -6.52 9.86
N2 NCO D . 2.85 -3.22 10.31
N3 NCO D . 5.46 -3.99 10.65
N4 NCO D . 2.05 -5.77 9.55
N5 NCO D . 4.13 -4.38 8.19
N6 NCO D . 3.40 -5.35 12.00
CO NCO E . 0.89 -7.16 -10.44
N1 NCO E . 2.77 -6.57 -10.09
N2 NCO E . -0.95 -7.75 -10.78
N3 NCO E . 0.29 -5.30 -10.39
N4 NCO E . 1.50 -9.05 -10.48
N5 NCO E . 1.20 -7.03 -12.40
N6 NCO E . 0.59 -7.30 -8.48
CO NCO F . 4.67 -1.23 -3.85
N1 NCO F . 6.50 -0.80 -4.39
N2 NCO F . 2.82 -1.68 -3.34
N3 NCO F . 3.95 0.15 -5.09
N4 NCO F . 5.37 -2.60 -2.62
N5 NCO F . 4.56 -2.60 -5.30
N6 NCO F . 4.76 0.12 -2.40
CO NCO G . -1.20 -12.94 6.40
N1 NCO G . 0.74 -13.14 6.13
N2 NCO G . -3.15 -12.76 6.64
N3 NCO G . -0.89 -11.73 7.97
N4 NCO G . -1.50 -14.19 4.81
N5 NCO G . -1.21 -11.37 5.21
N6 NCO G . -1.19 -14.50 7.58
CO NCO H . 10.54 -7.52 -8.84
N1 NCO H . 12.34 -6.80 -9.22
N2 NCO H . 8.74 -8.24 -8.48
N3 NCO H . 10.22 -6.09 -7.51
N4 NCO H . 10.85 -8.94 -10.16
N5 NCO H . 9.77 -6.38 -10.24
N6 NCO H . 11.31 -8.65 -7.42
CO NCO I . 5.85 3.40 10.33
N1 NCO I . 6.29 4.26 8.61
N2 NCO I . 5.39 2.54 12.05
N3 NCO I . 4.88 5.03 10.90
N4 NCO I . 6.81 1.77 9.77
N5 NCO I . 4.19 2.69 9.54
N6 NCO I . 7.51 4.10 11.12
CO NCO J . -9.49 -2.23 -3.04
N1 NCO J . -9.20 -0.41 -3.70
N2 NCO J . -9.80 -4.07 -2.35
N3 NCO J . -10.08 -1.51 -1.29
N4 NCO J . -8.92 -2.95 -4.77
N5 NCO J . -11.36 -2.16 -3.68
N6 NCO J . -7.63 -2.31 -2.38
CO NCO K . -15.53 8.08 5.67
N1 NCO K . -13.77 7.67 4.88
N2 NCO K . -17.28 8.48 6.48
N3 NCO K . -15.37 9.94 5.10
N4 NCO K . -15.68 6.21 6.25
N5 NCO K . -16.42 7.63 3.98
N6 NCO K . -14.64 8.50 7.37
CO NCO L . 6.20 12.17 -0.38
N1 NCO L . 8.05 11.89 0.23
N2 NCO L . 4.34 12.46 -1.00
N3 NCO L . 6.75 13.86 -1.26
N4 NCO L . 5.65 10.48 0.47
N5 NCO L . 6.61 11.20 -2.06
N6 NCO L . 5.81 13.15 1.29
CO NCO M . 0.83 -20.51 2.61
N1 NCO M . 2.58 -20.16 1.77
N2 NCO M . -0.92 -20.85 3.46
N3 NCO M . 0.10 -18.86 1.78
N4 NCO M . 1.55 -22.14 3.45
N5 NCO M . 0.28 -21.55 1.03
N6 NCO M . 1.39 -19.46 4.20
CO NCO N . 4.28 17.88 -8.38
N1 NCO N . 4.76 19.03 -9.91
N2 NCO N . 3.79 16.73 -6.86
N3 NCO N . 2.43 18.53 -8.49
N4 NCO N . 6.12 17.23 -8.27
N5 NCO N . 3.84 16.41 -9.63
N6 NCO N . 4.71 19.35 -7.15
#